data_6DQ3
#
_entry.id   6DQ3
#
_cell.length_a   42.160
_cell.length_b   78.430
_cell.length_c   138.070
_cell.angle_alpha   90.000
_cell.angle_beta   90.000
_cell.angle_gamma   90.000
#
_symmetry.space_group_name_H-M   'P 21 21 21'
#
loop_
_entity.id
_entity.type
_entity.pdbx_description
1 polymer 'Polysaccharide deacetylase'
2 non-polymer 'ACETATE ION'
3 non-polymer 'ZINC ION'
4 non-polymer 1,2-ETHANEDIOL
5 non-polymer IMIDAZOLE
6 water water
#
_entity_poly.entity_id   1
_entity_poly.type   'polypeptide(L)'
_entity_poly.pdbx_seq_one_letter_code
;GAMETPVKIPILMYHAIHVMSPEETANANLIVNPDLFDQQLQKMKDEGYYFLSPEEVYRALSNNELPAKKVVWLTFDDSM
IDFYNVAYPILKKYDAKATNNVITGLTEMGSAANLTLKQMKEMKQVGMSFQDHTVNHPDLEQASPDVQTTEMKDSKDYLD
KQLNQNTIAIAYPSGRYNDTTLQIAARLNYKLGVTTNEGIASAANGLLSLNRIRILPNMSPENLLQTMEP
;
_entity_poly.pdbx_strand_id   A,B
#
# COMPACT_ATOMS: atom_id res chain seq x y z
N GLU A 4 20.22 -3.79 2.33
CA GLU A 4 19.97 -4.54 1.11
C GLU A 4 18.85 -3.89 0.28
N THR A 5 19.18 -3.49 -0.94
CA THR A 5 18.24 -2.75 -1.77
C THR A 5 16.94 -3.54 -1.94
N PRO A 6 15.77 -2.90 -1.78
CA PRO A 6 14.51 -3.59 -2.06
C PRO A 6 14.44 -4.04 -3.52
N VAL A 7 13.97 -5.27 -3.73
CA VAL A 7 13.91 -5.79 -5.09
C VAL A 7 12.75 -5.13 -5.83
N LYS A 8 12.87 -5.07 -7.15
CA LYS A 8 11.82 -4.55 -8.02
C LYS A 8 11.47 -5.60 -9.06
N ILE A 9 10.20 -5.62 -9.46
CA ILE A 9 9.68 -6.62 -10.39
C ILE A 9 8.76 -5.92 -11.38
N PRO A 10 9.07 -5.97 -12.68
CA PRO A 10 8.10 -5.47 -13.68
C PRO A 10 6.92 -6.43 -13.80
N ILE A 11 5.73 -5.90 -13.62
CA ILE A 11 4.49 -6.67 -13.74
C ILE A 11 3.75 -6.11 -14.94
N LEU A 12 3.82 -6.82 -16.07
CA LEU A 12 3.21 -6.33 -17.29
C LEU A 12 1.72 -6.61 -17.28
N MET A 13 0.94 -5.62 -17.69
CA MET A 13 -0.51 -5.72 -17.76
C MET A 13 -0.94 -5.72 -19.21
N TYR A 14 -1.34 -6.89 -19.69
CA TYR A 14 -1.95 -7.09 -21.00
C TYR A 14 -3.46 -7.22 -20.86
N HIS A 15 -4.18 -6.95 -21.95
CA HIS A 15 -5.60 -7.24 -22.01
C HIS A 15 -5.85 -8.00 -23.30
N ALA A 16 -6.28 -7.31 -24.35
CA ALA A 16 -6.61 -7.98 -25.60
C ALA A 16 -5.38 -8.20 -26.47
N ILE A 17 -5.27 -9.41 -27.03
CA ILE A 17 -4.24 -9.72 -28.03
C ILE A 17 -4.94 -10.51 -29.14
N HIS A 18 -5.19 -9.86 -30.26
CA HIS A 18 -5.76 -10.56 -31.41
C HIS A 18 -5.71 -9.65 -32.62
N VAL A 19 -5.92 -10.25 -33.79
CA VAL A 19 -6.04 -9.48 -35.02
C VAL A 19 -7.32 -8.65 -34.95
N MET A 20 -7.23 -7.38 -35.32
CA MET A 20 -8.35 -6.47 -35.18
C MET A 20 -9.44 -6.75 -36.21
N SER A 21 -10.68 -6.50 -35.81
CA SER A 21 -11.81 -6.53 -36.72
C SER A 21 -11.84 -5.25 -37.55
N PRO A 22 -12.55 -5.27 -38.68
CA PRO A 22 -12.61 -4.05 -39.52
C PRO A 22 -13.03 -2.81 -38.75
N GLU A 23 -13.98 -2.95 -37.82
CA GLU A 23 -14.44 -1.79 -37.06
C GLU A 23 -13.42 -1.36 -36.01
N GLU A 24 -12.62 -2.28 -35.48
CA GLU A 24 -11.62 -1.91 -34.49
C GLU A 24 -10.50 -1.08 -35.11
N THR A 25 -10.25 -1.22 -36.42
CA THR A 25 -9.20 -0.44 -37.06
C THR A 25 -9.61 1.02 -37.24
N ALA A 26 -10.91 1.33 -37.15
CA ALA A 26 -11.38 2.69 -37.40
C ALA A 26 -11.12 3.63 -36.24
N ASN A 27 -10.87 3.11 -35.05
CA ASN A 27 -10.70 3.94 -33.86
C ASN A 27 -9.54 3.40 -33.03
N ALA A 28 -8.70 4.32 -32.56
CA ALA A 28 -7.58 3.94 -31.71
C ALA A 28 -8.07 3.17 -30.49
N ASN A 29 -7.38 2.09 -30.16
CA ASN A 29 -7.77 1.23 -29.06
C ASN A 29 -6.49 0.69 -28.42
N LEU A 30 -6.62 -0.38 -27.63
CA LEU A 30 -5.51 -0.90 -26.86
C LEU A 30 -5.23 -2.38 -27.13
N ILE A 31 -5.68 -2.88 -28.29
CA ILE A 31 -5.45 -4.27 -28.64
C ILE A 31 -4.03 -4.42 -29.16
N VAL A 32 -3.30 -5.39 -28.64
CA VAL A 32 -1.93 -5.67 -29.10
C VAL A 32 -2.00 -6.68 -30.23
N ASN A 33 -1.27 -6.39 -31.30
CA ASN A 33 -1.18 -7.31 -32.44
C ASN A 33 -0.45 -8.58 -31.99
N PRO A 34 -0.96 -9.77 -32.35
CA PRO A 34 -0.24 -11.00 -31.99
C PRO A 34 1.23 -10.99 -32.42
N ASP A 35 1.52 -10.52 -33.63
CA ASP A 35 2.92 -10.48 -34.08
C ASP A 35 3.79 -9.67 -33.12
N LEU A 36 3.27 -8.54 -32.62
CA LEU A 36 4.04 -7.72 -31.69
C LEU A 36 4.23 -8.44 -30.36
N PHE A 37 3.18 -9.11 -29.86
CA PHE A 37 3.32 -9.89 -28.64
C PHE A 37 4.42 -10.94 -28.81
N ASP A 38 4.42 -11.65 -29.95
CA ASP A 38 5.48 -12.60 -30.25
C ASP A 38 6.85 -11.93 -30.15
N GLN A 39 6.99 -10.74 -30.75
CA GLN A 39 8.27 -10.06 -30.76
C GLN A 39 8.66 -9.56 -29.38
N GLN A 40 7.69 -9.17 -28.55
CA GLN A 40 8.00 -8.78 -27.19
C GLN A 40 8.53 -9.96 -26.38
N LEU A 41 7.87 -11.11 -26.48
CA LEU A 41 8.32 -12.28 -25.73
C LEU A 41 9.68 -12.74 -26.24
N GLN A 42 9.87 -12.75 -27.56
CA GLN A 42 11.17 -13.12 -28.12
C GLN A 42 12.28 -12.28 -27.50
N LYS A 43 12.07 -10.97 -27.40
CA LYS A 43 13.10 -10.08 -26.88
C LYS A 43 13.34 -10.32 -25.39
N MET A 44 12.28 -10.56 -24.63
CA MET A 44 12.45 -10.90 -23.22
C MET A 44 13.24 -12.20 -23.06
N LYS A 45 12.94 -13.20 -23.90
CA LYS A 45 13.65 -14.47 -23.80
C LYS A 45 15.12 -14.29 -24.14
N ASP A 46 15.42 -13.57 -25.22
CA ASP A 46 16.80 -13.34 -25.63
C ASP A 46 17.58 -12.60 -24.54
N GLU A 47 16.91 -11.68 -23.84
CA GLU A 47 17.53 -10.94 -22.75
C GLU A 47 17.63 -11.75 -21.47
N GLY A 48 17.21 -13.01 -21.49
CA GLY A 48 17.36 -13.87 -20.34
C GLY A 48 16.33 -13.69 -19.25
N TYR A 49 15.14 -13.20 -19.57
CA TYR A 49 14.13 -12.99 -18.55
C TYR A 49 13.58 -14.31 -18.03
N TYR A 50 13.38 -14.37 -16.72
CA TYR A 50 12.72 -15.45 -16.02
C TYR A 50 11.26 -15.05 -15.80
N PHE A 51 10.34 -15.90 -16.23
CA PHE A 51 8.91 -15.61 -16.18
C PHE A 51 8.31 -16.16 -14.90
N LEU A 52 7.78 -15.28 -14.06
CA LEU A 52 7.38 -15.65 -12.71
C LEU A 52 5.93 -16.10 -12.62
N SER A 53 5.65 -17.01 -11.68
CA SER A 53 4.32 -17.32 -11.22
C SER A 53 3.94 -16.41 -10.06
N PRO A 54 2.64 -16.32 -9.72
CA PRO A 54 2.26 -15.52 -8.55
C PRO A 54 2.99 -15.93 -7.28
N GLU A 55 3.12 -17.23 -7.03
CA GLU A 55 3.81 -17.72 -5.83
C GLU A 55 5.25 -17.20 -5.79
N GLU A 56 5.91 -17.13 -6.94
CA GLU A 56 7.29 -16.68 -6.97
C GLU A 56 7.40 -15.18 -6.73
N VAL A 57 6.44 -14.40 -7.24
CA VAL A 57 6.41 -12.98 -6.97
C VAL A 57 6.29 -12.73 -5.46
N TYR A 58 5.37 -13.44 -4.82
CA TYR A 58 5.18 -13.28 -3.37
C TYR A 58 6.45 -13.63 -2.61
N ARG A 59 7.05 -14.79 -2.92
CA ARG A 59 8.28 -15.17 -2.27
C ARG A 59 9.36 -14.11 -2.48
N ALA A 60 9.50 -13.63 -3.70
CA ALA A 60 10.56 -12.68 -4.01
C ALA A 60 10.38 -11.38 -3.22
N LEU A 61 9.16 -10.85 -3.22
CA LEU A 61 8.92 -9.59 -2.52
C LEU A 61 8.97 -9.77 -1.00
N SER A 62 8.55 -10.93 -0.51
CA SER A 62 8.52 -11.17 0.93
C SER A 62 9.91 -11.42 1.50
N ASN A 63 10.76 -12.11 0.75
CA ASN A 63 12.12 -12.42 1.20
C ASN A 63 13.15 -11.47 0.62
N ASN A 64 12.75 -10.60 -0.31
CA ASN A 64 13.62 -9.62 -0.96
C ASN A 64 14.78 -10.29 -1.68
N GLU A 65 14.46 -11.22 -2.57
CA GLU A 65 15.46 -11.88 -3.39
C GLU A 65 14.81 -12.35 -4.68
N LEU A 66 15.52 -12.17 -5.79
CA LEU A 66 14.95 -12.58 -7.07
C LEU A 66 15.54 -13.92 -7.50
N PRO A 67 14.75 -14.76 -8.17
CA PRO A 67 15.29 -16.05 -8.65
C PRO A 67 16.23 -15.93 -9.84
N ALA A 68 16.34 -14.74 -10.43
CA ALA A 68 17.24 -14.51 -11.57
C ALA A 68 17.56 -13.03 -11.61
N LYS A 69 18.54 -12.67 -12.43
CA LYS A 69 18.88 -11.26 -12.58
C LYS A 69 17.73 -10.49 -13.24
N LYS A 70 17.08 -11.08 -14.25
CA LYS A 70 15.96 -10.45 -14.93
C LYS A 70 14.72 -11.30 -14.74
N VAL A 71 13.67 -10.69 -14.18
CA VAL A 71 12.42 -11.38 -13.90
C VAL A 71 11.27 -10.51 -14.36
N VAL A 72 10.14 -11.15 -14.63
CA VAL A 72 8.94 -10.44 -15.05
C VAL A 72 7.73 -11.29 -14.68
N TRP A 73 6.64 -10.61 -14.33
CA TRP A 73 5.35 -11.25 -14.07
C TRP A 73 4.40 -10.79 -15.18
N LEU A 74 4.07 -11.71 -16.09
CA LEU A 74 3.14 -11.42 -17.17
C LEU A 74 1.72 -11.65 -16.67
N THR A 75 0.89 -10.60 -16.68
CA THR A 75 -0.48 -10.69 -16.22
C THR A 75 -1.45 -10.24 -17.31
N PHE A 76 -2.60 -10.93 -17.37
CA PHE A 76 -3.67 -10.65 -18.30
C PHE A 76 -4.97 -10.57 -17.52
N ASP A 77 -5.73 -9.50 -17.70
CA ASP A 77 -7.00 -9.36 -17.01
C ASP A 77 -8.18 -9.78 -17.89
N ASP A 78 -9.27 -10.15 -17.21
CA ASP A 78 -10.63 -10.27 -17.77
C ASP A 78 -10.91 -11.63 -18.43
N SER A 79 -9.97 -12.55 -18.32
CA SER A 79 -10.14 -13.94 -18.75
C SER A 79 -10.88 -14.03 -20.08
N MET A 80 -10.35 -13.33 -21.08
CA MET A 80 -10.93 -13.30 -22.40
C MET A 80 -10.42 -14.48 -23.23
N ILE A 81 -11.26 -14.93 -24.17
CA ILE A 81 -10.98 -16.16 -24.89
C ILE A 81 -9.73 -16.01 -25.76
N ASP A 82 -9.39 -14.79 -26.17
CA ASP A 82 -8.17 -14.61 -26.95
C ASP A 82 -6.92 -14.98 -26.15
N PHE A 83 -7.00 -15.02 -24.81
CA PHE A 83 -5.85 -15.49 -24.04
C PHE A 83 -5.57 -16.96 -24.35
N TYR A 84 -6.61 -17.77 -24.51
CA TYR A 84 -6.44 -19.17 -24.88
C TYR A 84 -6.15 -19.34 -26.37
N ASN A 85 -6.86 -18.59 -27.23
CA ASN A 85 -6.72 -18.81 -28.67
C ASN A 85 -5.44 -18.20 -29.23
N VAL A 86 -4.99 -17.07 -28.67
CA VAL A 86 -3.91 -16.31 -29.28
C VAL A 86 -2.69 -16.25 -28.36
N ALA A 87 -2.87 -15.74 -27.15
CA ALA A 87 -1.71 -15.50 -26.28
C ALA A 87 -1.05 -16.82 -25.85
N TYR A 88 -1.86 -17.81 -25.47
CA TYR A 88 -1.32 -19.04 -24.90
C TYR A 88 -0.39 -19.79 -25.85
N PRO A 89 -0.73 -20.00 -27.13
CA PRO A 89 0.25 -20.65 -28.02
C PRO A 89 1.56 -19.90 -28.11
N ILE A 90 1.51 -18.58 -28.15
CA ILE A 90 2.73 -17.79 -28.23
C ILE A 90 3.52 -17.89 -26.94
N LEU A 91 2.85 -17.93 -25.80
CA LEU A 91 3.56 -18.13 -24.54
C LEU A 91 4.26 -19.48 -24.50
N LYS A 92 3.57 -20.53 -24.95
CA LYS A 92 4.19 -21.85 -24.99
C LYS A 92 5.39 -21.87 -25.93
N LYS A 93 5.27 -21.18 -27.08
CA LYS A 93 6.38 -21.10 -28.03
C LYS A 93 7.66 -20.65 -27.37
N TYR A 94 7.57 -19.69 -26.46
CA TYR A 94 8.74 -19.14 -25.79
C TYR A 94 8.94 -19.71 -24.39
N ASP A 95 8.22 -20.77 -24.04
CA ASP A 95 8.34 -21.42 -22.74
C ASP A 95 8.19 -20.38 -21.63
N ALA A 96 7.18 -19.54 -21.76
CA ALA A 96 6.92 -18.46 -20.81
C ALA A 96 5.71 -18.80 -19.96
N LYS A 97 5.74 -18.33 -18.71
CA LYS A 97 4.63 -18.47 -17.79
C LYS A 97 3.87 -17.14 -17.74
N ALA A 98 2.56 -17.23 -17.51
CA ALA A 98 1.75 -16.02 -17.38
C ALA A 98 0.54 -16.29 -16.51
N THR A 99 -0.06 -15.21 -16.01
CA THR A 99 -1.21 -15.27 -15.12
C THR A 99 -2.38 -14.56 -15.77
N ASN A 100 -3.56 -15.17 -15.69
CA ASN A 100 -4.78 -14.50 -16.10
C ASN A 100 -5.70 -14.30 -14.89
N ASN A 101 -6.17 -13.08 -14.71
CA ASN A 101 -7.06 -12.72 -13.62
C ASN A 101 -8.50 -12.88 -14.07
N VAL A 102 -9.21 -13.81 -13.44
CA VAL A 102 -10.43 -14.38 -14.00
C VAL A 102 -11.67 -13.75 -13.37
N ILE A 103 -12.62 -13.39 -14.25
CA ILE A 103 -13.95 -12.95 -13.85
C ILE A 103 -14.79 -14.22 -13.75
N THR A 104 -14.98 -14.73 -12.53
CA THR A 104 -15.51 -16.08 -12.41
C THR A 104 -16.97 -16.18 -12.85
N GLY A 105 -17.74 -15.10 -12.73
CA GLY A 105 -19.13 -15.16 -13.12
C GLY A 105 -19.33 -15.44 -14.60
N LEU A 106 -18.50 -14.84 -15.46
CA LEU A 106 -18.63 -15.08 -16.89
C LEU A 106 -18.31 -16.53 -17.23
N THR A 107 -17.31 -17.12 -16.57
CA THR A 107 -17.00 -18.52 -16.80
C THR A 107 -18.12 -19.42 -16.27
N GLU A 108 -18.68 -19.08 -15.13
CA GLU A 108 -19.76 -19.90 -14.56
C GLU A 108 -21.02 -19.81 -15.40
N MET A 109 -21.24 -18.68 -16.06
CA MET A 109 -22.40 -18.49 -16.93
C MET A 109 -22.20 -19.03 -18.34
N GLY A 110 -21.02 -19.54 -18.64
CA GLY A 110 -20.77 -20.11 -19.95
C GLY A 110 -20.54 -19.11 -21.05
N SER A 111 -20.00 -17.94 -20.73
CA SER A 111 -19.75 -16.91 -21.73
C SER A 111 -18.76 -17.42 -22.77
N ALA A 112 -19.17 -17.38 -24.04
CA ALA A 112 -18.29 -17.78 -25.14
C ALA A 112 -17.13 -16.81 -25.31
N ALA A 113 -17.28 -15.56 -24.90
CA ALA A 113 -16.20 -14.59 -24.98
C ALA A 113 -15.13 -14.80 -23.91
N ASN A 114 -15.27 -15.79 -23.03
CA ASN A 114 -14.37 -15.91 -21.89
C ASN A 114 -13.87 -17.35 -21.72
N LEU A 115 -12.78 -17.45 -20.97
CA LEU A 115 -12.15 -18.74 -20.73
C LEU A 115 -13.10 -19.70 -20.05
N THR A 116 -12.96 -20.98 -20.38
CA THR A 116 -13.72 -22.05 -19.76
C THR A 116 -12.85 -22.77 -18.73
N LEU A 117 -13.51 -23.52 -17.83
CA LEU A 117 -12.75 -24.29 -16.85
C LEU A 117 -11.86 -25.32 -17.52
N LYS A 118 -12.37 -25.99 -18.55
CA LYS A 118 -11.56 -26.99 -19.25
C LYS A 118 -10.31 -26.38 -19.83
N GLN A 119 -10.43 -25.17 -20.40
CA GLN A 119 -9.27 -24.50 -20.95
C GLN A 119 -8.26 -24.13 -19.86
N MET A 120 -8.75 -23.66 -18.71
CA MET A 120 -7.85 -23.31 -17.62
C MET A 120 -7.09 -24.53 -17.12
N LYS A 121 -7.79 -25.67 -16.97
CA LYS A 121 -7.12 -26.88 -16.52
C LYS A 121 -6.04 -27.30 -17.51
N GLU A 122 -6.29 -27.15 -18.81
CA GLU A 122 -5.26 -27.45 -19.81
C GLU A 122 -4.06 -26.53 -19.63
N MET A 123 -4.32 -25.22 -19.51
CA MET A 123 -3.24 -24.25 -19.51
C MET A 123 -2.40 -24.31 -18.25
N LYS A 124 -2.98 -24.71 -17.12
CA LYS A 124 -2.22 -24.83 -15.88
C LYS A 124 -1.10 -25.86 -16.00
N GLN A 125 -1.26 -26.86 -16.86
CA GLN A 125 -0.24 -27.87 -17.02
C GLN A 125 0.93 -27.41 -17.89
N VAL A 126 0.82 -26.23 -18.50
CA VAL A 126 1.90 -25.73 -19.34
C VAL A 126 2.19 -24.28 -18.98
N GLY A 127 2.24 -23.97 -17.68
CA GLY A 127 2.86 -22.76 -17.19
C GLY A 127 1.91 -21.64 -16.80
N MET A 128 0.62 -21.75 -17.08
CA MET A 128 -0.29 -20.64 -16.83
C MET A 128 -0.91 -20.73 -15.43
N SER A 129 -1.18 -19.56 -14.86
CA SER A 129 -1.81 -19.43 -13.55
C SER A 129 -3.07 -18.59 -13.68
N PHE A 130 -4.07 -18.92 -12.88
CA PHE A 130 -5.36 -18.25 -12.96
C PHE A 130 -5.77 -17.74 -11.58
N GLN A 131 -5.79 -16.42 -11.46
CA GLN A 131 -6.02 -15.75 -10.20
C GLN A 131 -7.34 -14.98 -10.27
N ASP A 132 -7.57 -14.13 -9.28
CA ASP A 132 -8.90 -13.60 -9.03
C ASP A 132 -9.13 -12.25 -9.69
N HIS A 133 -10.33 -12.07 -10.27
CA HIS A 133 -10.76 -10.79 -10.82
C HIS A 133 -12.22 -10.55 -10.49
N THR A 134 -12.66 -11.01 -9.32
CA THR A 134 -14.02 -10.90 -8.78
C THR A 134 -15.02 -11.78 -9.53
N VAL A 135 -16.24 -11.86 -8.99
CA VAL A 135 -17.29 -12.64 -9.64
C VAL A 135 -17.91 -11.86 -10.79
N ASN A 136 -18.34 -10.63 -10.54
CA ASN A 136 -19.12 -9.86 -11.50
C ASN A 136 -18.42 -8.62 -12.02
N HIS A 137 -17.16 -8.39 -11.62
CA HIS A 137 -16.37 -7.25 -12.09
C HIS A 137 -17.02 -5.91 -11.73
N PRO A 138 -17.47 -5.73 -10.50
CA PRO A 138 -17.93 -4.40 -10.07
C PRO A 138 -16.76 -3.47 -9.80
N ASP A 139 -17.09 -2.18 -9.73
CA ASP A 139 -16.21 -1.21 -9.08
C ASP A 139 -16.26 -1.50 -7.58
N LEU A 140 -15.22 -2.18 -7.07
CA LEU A 140 -15.21 -2.61 -5.68
C LEU A 140 -15.37 -1.42 -4.73
N GLU A 141 -14.78 -0.28 -5.10
CA GLU A 141 -14.83 0.92 -4.27
C GLU A 141 -16.26 1.38 -4.00
N GLN A 142 -17.16 1.17 -4.95
CA GLN A 142 -18.54 1.61 -4.81
C GLN A 142 -19.42 0.51 -4.21
N ALA A 143 -18.83 -0.55 -3.67
CA ALA A 143 -19.58 -1.61 -3.03
C ALA A 143 -19.40 -1.53 -1.52
N SER A 144 -20.45 -1.95 -0.80
CA SER A 144 -20.39 -2.04 0.65
C SER A 144 -19.34 -3.07 1.07
N PRO A 145 -18.91 -3.04 2.33
CA PRO A 145 -17.94 -4.06 2.80
C PRO A 145 -18.45 -5.48 2.60
N ASP A 146 -19.73 -5.74 2.88
CA ASP A 146 -20.26 -7.10 2.70
C ASP A 146 -20.19 -7.52 1.24
N VAL A 147 -20.46 -6.60 0.31
CA VAL A 147 -20.47 -6.96 -1.10
C VAL A 147 -19.04 -7.16 -1.62
N GLN A 148 -18.11 -6.29 -1.20
CA GLN A 148 -16.72 -6.51 -1.55
C GLN A 148 -16.23 -7.86 -1.07
N THR A 149 -16.62 -8.25 0.15
CA THR A 149 -16.24 -9.56 0.67
C THR A 149 -16.78 -10.67 -0.22
N THR A 150 -18.07 -10.61 -0.56
CA THR A 150 -18.66 -11.64 -1.42
C THR A 150 -17.96 -11.69 -2.77
N GLU A 151 -17.75 -10.54 -3.41
CA GLU A 151 -17.16 -10.51 -4.74
C GLU A 151 -15.75 -11.08 -4.75
N MET A 152 -14.99 -10.83 -3.69
CA MET A 152 -13.61 -11.30 -3.63
C MET A 152 -13.50 -12.72 -3.05
N LYS A 153 -14.47 -13.12 -2.23
CA LYS A 153 -14.43 -14.42 -1.57
C LYS A 153 -15.03 -15.52 -2.42
N ASP A 154 -16.24 -15.28 -2.96
CA ASP A 154 -16.94 -16.32 -3.70
C ASP A 154 -16.18 -16.71 -4.96
N SER A 155 -15.49 -15.74 -5.57
CA SER A 155 -14.71 -16.03 -6.77
C SER A 155 -13.45 -16.83 -6.43
N LYS A 156 -12.80 -16.49 -5.33
CA LYS A 156 -11.65 -17.30 -4.88
C LYS A 156 -12.09 -18.72 -4.57
N ASP A 157 -13.21 -18.87 -3.86
CA ASP A 157 -13.69 -20.22 -3.54
C ASP A 157 -14.00 -21.00 -4.81
N TYR A 158 -14.48 -20.32 -5.85
CA TYR A 158 -14.77 -20.98 -7.12
C TYR A 158 -13.49 -21.47 -7.79
N LEU A 159 -12.50 -20.59 -7.94
CA LEU A 159 -11.24 -21.01 -8.55
C LEU A 159 -10.56 -22.09 -7.71
N ASP A 160 -10.54 -21.92 -6.39
CA ASP A 160 -9.89 -22.89 -5.53
C ASP A 160 -10.50 -24.27 -5.68
N LYS A 161 -11.84 -24.34 -5.71
CA LYS A 161 -12.50 -25.64 -5.82
C LYS A 161 -12.42 -26.18 -7.25
N GLN A 162 -12.79 -25.37 -8.24
CA GLN A 162 -12.91 -25.89 -9.60
C GLN A 162 -11.55 -26.19 -10.23
N LEU A 163 -10.52 -25.42 -9.87
CA LEU A 163 -9.17 -25.66 -10.35
C LEU A 163 -8.28 -26.31 -9.29
N ASN A 164 -8.83 -26.71 -8.16
CA ASN A 164 -8.12 -27.45 -7.13
C ASN A 164 -6.80 -26.75 -6.74
N GLN A 165 -6.95 -25.52 -6.25
CA GLN A 165 -5.78 -24.69 -6.00
C GLN A 165 -6.05 -23.78 -4.80
N ASN A 166 -5.05 -22.97 -4.47
CA ASN A 166 -5.16 -21.92 -3.46
C ASN A 166 -4.84 -20.61 -4.18
N THR A 167 -5.88 -19.86 -4.57
CA THR A 167 -5.68 -18.59 -5.23
C THR A 167 -5.13 -17.56 -4.27
N ILE A 168 -4.05 -16.87 -4.66
CA ILE A 168 -3.37 -15.95 -3.77
C ILE A 168 -3.36 -14.52 -4.27
N ALA A 169 -3.73 -14.26 -5.53
CA ALA A 169 -3.59 -12.93 -6.10
C ALA A 169 -4.92 -12.44 -6.64
N ILE A 170 -5.13 -11.13 -6.55
CA ILE A 170 -6.32 -10.49 -7.09
C ILE A 170 -5.90 -9.28 -7.90
N ALA A 171 -6.63 -9.02 -8.98
CA ALA A 171 -6.55 -7.76 -9.72
C ALA A 171 -7.88 -7.03 -9.52
N TYR A 172 -7.82 -5.80 -9.01
CA TYR A 172 -9.06 -5.06 -8.76
C TYR A 172 -9.64 -4.55 -10.07
N PRO A 173 -10.94 -4.73 -10.30
CA PRO A 173 -11.53 -4.26 -11.56
C PRO A 173 -11.29 -2.77 -11.76
N SER A 174 -10.76 -2.44 -12.93
CA SER A 174 -10.45 -1.07 -13.33
C SER A 174 -9.44 -0.41 -12.41
N GLY A 175 -8.73 -1.20 -11.60
CA GLY A 175 -7.74 -0.67 -10.70
C GLY A 175 -8.29 0.11 -9.54
N ARG A 176 -9.57 -0.02 -9.25
CA ARG A 176 -10.23 0.79 -8.24
C ARG A 176 -10.30 0.03 -6.91
N TYR A 177 -9.90 0.71 -5.84
CA TYR A 177 -9.90 0.09 -4.53
C TYR A 177 -9.88 1.20 -3.48
N ASN A 178 -10.34 0.86 -2.28
CA ASN A 178 -10.18 1.77 -1.16
C ASN A 178 -9.56 1.01 0.01
N ASP A 179 -9.41 1.70 1.15
CA ASP A 179 -8.81 1.07 2.31
C ASP A 179 -9.56 -0.21 2.65
N THR A 180 -10.89 -0.17 2.57
CA THR A 180 -11.71 -1.34 2.87
C THR A 180 -11.38 -2.51 1.95
N THR A 181 -11.24 -2.26 0.66
CA THR A 181 -10.87 -3.34 -0.27
C THR A 181 -9.62 -4.06 0.22
N LEU A 182 -8.59 -3.32 0.59
CA LEU A 182 -7.31 -3.93 0.94
C LEU A 182 -7.39 -4.65 2.28
N GLN A 183 -8.14 -4.09 3.24
CA GLN A 183 -8.33 -4.78 4.51
C GLN A 183 -9.05 -6.11 4.30
N ILE A 184 -10.07 -6.11 3.44
CA ILE A 184 -10.83 -7.34 3.20
C ILE A 184 -9.98 -8.36 2.47
N ALA A 185 -9.28 -7.93 1.41
CA ALA A 185 -8.42 -8.85 0.67
C ALA A 185 -7.45 -9.56 1.60
N ALA A 186 -6.88 -8.82 2.56
CA ALA A 186 -5.95 -9.43 3.51
C ALA A 186 -6.65 -10.47 4.37
N ARG A 187 -7.86 -10.16 4.86
CA ARG A 187 -8.58 -11.09 5.73
C ARG A 187 -9.02 -12.34 4.98
N LEU A 188 -9.21 -12.23 3.66
CA LEU A 188 -9.55 -13.38 2.83
C LEU A 188 -8.32 -14.17 2.39
N ASN A 189 -7.15 -13.86 2.93
CA ASN A 189 -5.92 -14.61 2.71
C ASN A 189 -5.36 -14.45 1.31
N TYR A 190 -5.68 -13.35 0.63
CA TYR A 190 -4.92 -12.96 -0.55
C TYR A 190 -3.52 -12.51 -0.12
N LYS A 191 -2.52 -12.87 -0.92
CA LYS A 191 -1.14 -12.51 -0.65
C LYS A 191 -0.64 -11.38 -1.54
N LEU A 192 -1.20 -11.25 -2.73
CA LEU A 192 -0.81 -10.25 -3.71
C LEU A 192 -2.04 -9.58 -4.29
N GLY A 193 -1.89 -8.29 -4.61
CA GLY A 193 -2.92 -7.54 -5.29
C GLY A 193 -2.29 -6.60 -6.29
N VAL A 194 -2.87 -6.48 -7.48
CA VAL A 194 -2.32 -5.65 -8.54
C VAL A 194 -3.33 -4.58 -8.92
N THR A 195 -2.81 -3.38 -9.20
CA THR A 195 -3.59 -2.21 -9.52
C THR A 195 -3.36 -1.86 -11.00
N THR A 196 -3.83 -0.68 -11.41
CA THR A 196 -3.45 -0.10 -12.69
C THR A 196 -2.55 1.12 -12.54
N ASN A 197 -1.98 1.34 -11.35
N ASN A 197 -1.96 1.32 -11.36
CA ASN A 197 -1.01 2.40 -11.14
CA ASN A 197 -1.00 2.39 -11.15
C ASN A 197 0.27 2.08 -11.93
C ASN A 197 0.29 2.09 -11.92
N GLU A 198 0.70 3.00 -12.80
CA GLU A 198 1.79 2.73 -13.72
C GLU A 198 3.15 2.74 -13.01
N GLY A 199 3.95 1.72 -13.28
CA GLY A 199 5.33 1.68 -12.83
C GLY A 199 5.77 0.25 -12.55
N ILE A 200 7.08 0.11 -12.34
CA ILE A 200 7.62 -1.15 -11.85
C ILE A 200 7.18 -1.35 -10.40
N ALA A 201 7.06 -2.62 -10.01
CA ALA A 201 6.50 -2.95 -8.71
C ALA A 201 7.59 -3.22 -7.67
N SER A 202 7.24 -2.99 -6.40
CA SER A 202 8.11 -3.32 -5.29
C SER A 202 7.24 -3.46 -4.05
N ALA A 203 7.82 -4.03 -2.99
CA ALA A 203 7.06 -4.22 -1.75
C ALA A 203 6.49 -2.89 -1.26
N ALA A 204 7.23 -1.81 -1.45
CA ALA A 204 6.81 -0.50 -0.97
C ALA A 204 5.49 -0.02 -1.58
N ASN A 205 5.10 -0.58 -2.72
CA ASN A 205 3.77 -0.26 -3.25
C ASN A 205 2.65 -0.72 -2.31
N GLY A 206 2.95 -1.71 -1.47
CA GLY A 206 1.93 -2.49 -0.80
C GLY A 206 1.70 -3.79 -1.54
N LEU A 207 1.91 -4.93 -0.86
CA LEU A 207 1.80 -6.21 -1.54
C LEU A 207 0.41 -6.40 -2.15
N LEU A 208 -0.63 -5.82 -1.53
CA LEU A 208 -1.98 -5.91 -2.07
C LEU A 208 -2.35 -4.74 -2.97
N SER A 209 -1.36 -3.93 -3.35
CA SER A 209 -1.61 -2.78 -4.22
C SER A 209 -0.37 -2.50 -5.09
N LEU A 210 0.06 -3.52 -5.84
CA LEU A 210 1.30 -3.42 -6.60
C LEU A 210 1.09 -2.69 -7.93
N ASN A 211 2.11 -1.93 -8.33
CA ASN A 211 2.11 -1.26 -9.62
C ASN A 211 2.14 -2.27 -10.75
N ARG A 212 1.63 -1.86 -11.91
CA ARG A 212 1.79 -2.63 -13.14
C ARG A 212 2.20 -1.72 -14.29
N ILE A 213 2.78 -2.32 -15.31
CA ILE A 213 3.21 -1.63 -16.51
C ILE A 213 2.18 -1.93 -17.59
N ARG A 214 1.46 -0.90 -18.05
CA ARG A 214 0.46 -1.09 -19.08
C ARG A 214 1.15 -1.30 -20.42
N ILE A 215 0.74 -2.35 -21.14
CA ILE A 215 1.29 -2.62 -22.46
C ILE A 215 0.51 -1.79 -23.48
N LEU A 216 1.18 -0.88 -24.13
CA LEU A 216 0.57 -0.07 -25.17
C LEU A 216 0.70 -0.77 -26.52
N PRO A 217 -0.24 -0.57 -27.45
CA PRO A 217 -0.11 -1.23 -28.75
C PRO A 217 1.03 -0.69 -29.59
N ASN A 218 1.46 0.55 -29.35
CA ASN A 218 2.57 1.16 -30.08
C ASN A 218 3.93 0.78 -29.49
N MET A 219 3.96 -0.14 -28.53
CA MET A 219 5.13 -0.37 -27.68
C MET A 219 6.09 -1.32 -28.37
N SER A 220 7.16 -0.78 -28.95
CA SER A 220 8.16 -1.60 -29.60
C SER A 220 8.87 -2.48 -28.56
N PRO A 221 9.32 -3.67 -28.95
CA PRO A 221 10.06 -4.51 -27.99
C PRO A 221 11.24 -3.79 -27.35
N GLU A 222 12.01 -3.05 -28.14
CA GLU A 222 13.12 -2.28 -27.58
C GLU A 222 12.64 -1.33 -26.49
N ASN A 223 11.53 -0.63 -26.73
CA ASN A 223 11.08 0.36 -25.75
C ASN A 223 10.46 -0.30 -24.53
N LEU A 224 9.75 -1.41 -24.73
CA LEU A 224 9.20 -2.14 -23.59
C LEU A 224 10.30 -2.57 -22.63
N LEU A 225 11.37 -3.17 -23.17
CA LEU A 225 12.46 -3.67 -22.33
C LEU A 225 13.13 -2.54 -21.56
N GLN A 226 13.33 -1.39 -22.21
CA GLN A 226 13.88 -0.24 -21.49
C GLN A 226 12.95 0.19 -20.36
N THR A 227 11.64 0.09 -20.57
CA THR A 227 10.69 0.49 -19.53
C THR A 227 10.72 -0.47 -18.35
N MET A 228 11.05 -1.74 -18.60
CA MET A 228 11.07 -2.75 -17.55
C MET A 228 12.33 -2.70 -16.70
N GLU A 229 13.36 -1.99 -17.14
CA GLU A 229 14.61 -1.93 -16.38
C GLU A 229 14.40 -1.11 -15.11
N PRO A 230 14.87 -1.59 -13.95
CA PRO A 230 14.80 -0.77 -12.73
C PRO A 230 15.63 0.50 -12.82
N THR B 5 15.55 -10.24 4.41
CA THR B 5 14.49 -10.18 5.41
C THR B 5 14.06 -8.74 5.65
N PRO B 6 12.89 -8.36 5.12
CA PRO B 6 12.44 -6.97 5.26
C PRO B 6 12.32 -6.55 6.72
N VAL B 7 12.80 -5.34 7.00
CA VAL B 7 12.78 -4.85 8.37
C VAL B 7 11.35 -4.52 8.79
N LYS B 8 11.13 -4.55 10.10
CA LYS B 8 9.87 -4.18 10.71
C LYS B 8 10.11 -3.06 11.70
N ILE B 9 9.18 -2.10 11.74
CA ILE B 9 9.29 -0.93 12.60
C ILE B 9 7.96 -0.78 13.36
N PRO B 10 7.94 -0.81 14.68
CA PRO B 10 6.69 -0.49 15.41
C PRO B 10 6.45 1.01 15.40
N ILE B 11 5.25 1.40 15.00
CA ILE B 11 4.86 2.81 14.91
C ILE B 11 3.74 3.02 15.92
N LEU B 12 4.06 3.66 17.04
CA LEU B 12 3.07 3.84 18.10
C LEU B 12 2.19 5.03 17.78
N MET B 13 0.89 4.87 18.02
CA MET B 13 -0.10 5.91 17.77
C MET B 13 -0.67 6.37 19.10
N TYR B 14 -0.24 7.54 19.54
CA TYR B 14 -0.81 8.23 20.70
C TYR B 14 -1.80 9.28 20.22
N HIS B 15 -2.75 9.61 21.10
CA HIS B 15 -3.58 10.80 20.89
C HIS B 15 -3.49 11.67 22.13
N ALA B 16 -4.43 11.52 23.05
CA ALA B 16 -4.48 12.36 24.23
C ALA B 16 -3.63 11.79 25.36
N ILE B 17 -2.87 12.67 26.02
CA ILE B 17 -2.15 12.33 27.24
C ILE B 17 -2.36 13.48 28.22
N HIS B 18 -3.18 13.25 29.24
CA HIS B 18 -3.32 14.23 30.31
C HIS B 18 -4.16 13.63 31.44
N VAL B 19 -4.15 14.32 32.57
CA VAL B 19 -5.02 13.96 33.68
C VAL B 19 -6.46 14.20 33.28
N MET B 20 -7.32 13.19 33.49
CA MET B 20 -8.69 13.27 33.05
C MET B 20 -9.48 14.32 33.82
N SER B 21 -10.44 14.94 33.14
CA SER B 21 -11.40 15.78 33.80
C SER B 21 -12.44 14.92 34.51
N PRO B 22 -13.17 15.50 35.47
CA PRO B 22 -14.21 14.72 36.16
C PRO B 22 -15.20 14.05 35.22
N GLU B 23 -15.61 14.74 34.15
CA GLU B 23 -16.54 14.13 33.21
C GLU B 23 -15.89 12.98 32.43
N GLU B 24 -14.62 13.14 32.06
CA GLU B 24 -13.94 12.08 31.32
C GLU B 24 -13.84 10.79 32.13
N THR B 25 -13.78 10.89 33.46
CA THR B 25 -13.66 9.67 34.26
C THR B 25 -14.92 8.83 34.22
N ALA B 26 -16.05 9.39 33.78
CA ALA B 26 -17.33 8.68 33.83
C ALA B 26 -17.46 7.65 32.72
N ASN B 27 -16.68 7.77 31.66
CA ASN B 27 -16.82 6.91 30.49
C ASN B 27 -15.47 6.32 30.13
N ALA B 28 -15.46 5.04 29.76
CA ALA B 28 -14.27 4.44 29.18
C ALA B 28 -13.81 5.28 27.99
N ASN B 29 -12.51 5.56 27.94
CA ASN B 29 -11.94 6.39 26.90
C ASN B 29 -10.50 5.95 26.67
N LEU B 30 -9.82 6.64 25.77
CA LEU B 30 -8.48 6.26 25.34
C LEU B 30 -7.41 7.22 25.81
N ILE B 31 -7.71 8.06 26.80
CA ILE B 31 -6.73 9.00 27.31
C ILE B 31 -5.67 8.24 28.11
N VAL B 32 -4.40 8.53 27.84
CA VAL B 32 -3.30 7.91 28.56
C VAL B 32 -2.89 8.80 29.72
N ASN B 33 -2.77 8.20 30.91
CA ASN B 33 -2.30 8.92 32.08
C ASN B 33 -0.85 9.36 31.87
N PRO B 34 -0.50 10.62 32.15
CA PRO B 34 0.89 11.05 31.97
C PRO B 34 1.90 10.21 32.73
N ASP B 35 1.56 9.78 33.95
CA ASP B 35 2.46 8.92 34.70
C ASP B 35 2.73 7.62 33.94
N LEU B 36 1.70 7.04 33.32
CA LEU B 36 1.91 5.84 32.50
C LEU B 36 2.76 6.13 31.28
N PHE B 37 2.54 7.26 30.61
CA PHE B 37 3.38 7.62 29.47
C PHE B 37 4.83 7.75 29.90
N ASP B 38 5.06 8.37 31.06
CA ASP B 38 6.41 8.45 31.61
C ASP B 38 7.02 7.06 31.75
N GLN B 39 6.26 6.13 32.34
CA GLN B 39 6.78 4.78 32.57
C GLN B 39 7.04 4.04 31.27
N GLN B 40 6.21 4.28 30.24
CA GLN B 40 6.41 3.64 28.95
C GLN B 40 7.70 4.12 28.31
N LEU B 41 7.95 5.43 28.31
CA LEU B 41 9.20 5.93 27.77
C LEU B 41 10.39 5.42 28.57
N GLN B 42 10.28 5.41 29.90
CA GLN B 42 11.38 4.92 30.73
C GLN B 42 11.75 3.48 30.34
N LYS B 43 10.73 2.63 30.18
CA LYS B 43 10.96 1.24 29.83
C LYS B 43 11.62 1.12 28.46
N MET B 44 11.09 1.85 27.46
CA MET B 44 11.70 1.80 26.14
C MET B 44 13.14 2.28 26.18
N LYS B 45 13.40 3.37 26.90
CA LYS B 45 14.75 3.88 27.04
C LYS B 45 15.67 2.86 27.69
N ASP B 46 15.24 2.31 28.83
CA ASP B 46 16.08 1.39 29.59
C ASP B 46 16.42 0.14 28.77
N GLU B 47 15.53 -0.29 27.88
CA GLU B 47 15.76 -1.48 27.08
C GLU B 47 16.40 -1.18 25.73
N GLY B 48 16.88 0.05 25.54
CA GLY B 48 17.75 0.37 24.43
C GLY B 48 17.07 0.86 23.18
N TYR B 49 15.82 1.29 23.25
CA TYR B 49 15.10 1.71 22.05
C TYR B 49 15.67 3.01 21.51
N TYR B 50 15.87 3.03 20.20
CA TYR B 50 16.22 4.21 19.43
C TYR B 50 14.93 4.85 18.91
N PHE B 51 14.74 6.13 19.22
CA PHE B 51 13.50 6.82 18.86
C PHE B 51 13.67 7.47 17.49
N LEU B 52 12.90 7.03 16.52
CA LEU B 52 13.12 7.41 15.12
C LEU B 52 12.39 8.69 14.74
N SER B 53 13.00 9.43 13.81
CA SER B 53 12.32 10.51 13.10
C SER B 53 11.62 9.96 11.87
N PRO B 54 10.72 10.73 11.27
CA PRO B 54 10.10 10.27 10.01
C PRO B 54 11.14 9.95 8.94
N GLU B 55 12.17 10.79 8.82
CA GLU B 55 13.18 10.57 7.80
C GLU B 55 13.90 9.25 8.00
N GLU B 56 14.24 8.91 9.25
CA GLU B 56 14.89 7.65 9.54
C GLU B 56 13.99 6.46 9.27
N VAL B 57 12.67 6.63 9.47
CA VAL B 57 11.74 5.56 9.14
C VAL B 57 11.74 5.30 7.63
N TYR B 58 11.65 6.37 6.85
CA TYR B 58 11.68 6.21 5.39
C TYR B 58 12.97 5.55 4.93
N ARG B 59 14.10 5.95 5.53
CA ARG B 59 15.39 5.42 5.10
C ARG B 59 15.54 3.95 5.47
N ALA B 60 15.10 3.58 6.67
CA ALA B 60 15.20 2.19 7.10
C ALA B 60 14.36 1.27 6.23
N LEU B 61 13.12 1.67 5.93
CA LEU B 61 12.26 0.84 5.09
C LEU B 61 12.75 0.81 3.64
N SER B 62 13.46 1.86 3.21
CA SER B 62 13.95 1.94 1.85
C SER B 62 15.29 1.23 1.67
N ASN B 63 16.08 1.09 2.73
CA ASN B 63 17.37 0.42 2.65
C ASN B 63 17.42 -0.91 3.40
N ASN B 64 16.39 -1.23 4.19
CA ASN B 64 16.37 -2.46 4.97
C ASN B 64 17.51 -2.49 5.98
N GLU B 65 17.76 -1.35 6.62
CA GLU B 65 18.78 -1.25 7.66
C GLU B 65 18.19 -0.43 8.80
N LEU B 66 18.12 -1.03 9.98
CA LEU B 66 17.69 -0.28 11.15
C LEU B 66 18.90 0.40 11.79
N PRO B 67 18.77 1.64 12.28
CA PRO B 67 19.90 2.32 12.92
C PRO B 67 20.26 1.77 14.28
N ALA B 68 19.43 0.90 14.86
CA ALA B 68 19.72 0.28 16.15
C ALA B 68 19.00 -1.05 16.20
N LYS B 69 19.35 -1.87 17.18
CA LYS B 69 18.68 -3.16 17.34
C LYS B 69 17.21 -2.98 17.69
N LYS B 70 16.90 -2.04 18.57
CA LYS B 70 15.52 -1.73 18.97
C LYS B 70 15.18 -0.32 18.51
N VAL B 71 14.11 -0.19 17.73
CA VAL B 71 13.68 1.11 17.23
C VAL B 71 12.18 1.24 17.40
N VAL B 72 11.73 2.49 17.42
CA VAL B 72 10.31 2.81 17.49
C VAL B 72 10.11 4.20 16.90
N TRP B 73 8.97 4.38 16.22
CA TRP B 73 8.51 5.68 15.78
C TRP B 73 7.30 6.08 16.63
N LEU B 74 7.47 7.11 17.47
CA LEU B 74 6.38 7.62 18.28
C LEU B 74 5.61 8.69 17.51
N THR B 75 4.32 8.43 17.26
CA THR B 75 3.50 9.40 16.55
C THR B 75 2.29 9.80 17.39
N PHE B 76 1.92 11.07 17.25
CA PHE B 76 0.78 11.69 17.89
C PHE B 76 -0.03 12.37 16.80
N ASP B 77 -1.35 12.17 16.83
CA ASP B 77 -2.24 12.81 15.86
C ASP B 77 -2.98 13.99 16.48
N ASP B 78 -3.38 14.93 15.63
CA ASP B 78 -4.35 16.00 15.88
C ASP B 78 -3.77 17.24 16.56
N SER B 79 -2.45 17.33 16.69
CA SER B 79 -1.76 18.52 17.19
C SER B 79 -2.52 19.20 18.32
N MET B 80 -2.77 18.41 19.37
CA MET B 80 -3.48 18.90 20.55
C MET B 80 -2.50 19.54 21.52
N ILE B 81 -3.01 20.50 22.30
CA ILE B 81 -2.15 21.31 23.15
C ILE B 81 -1.53 20.45 24.26
N ASP B 82 -2.17 19.35 24.63
CA ASP B 82 -1.56 18.47 25.61
C ASP B 82 -0.26 17.86 25.10
N PHE B 83 -0.03 17.82 23.78
CA PHE B 83 1.26 17.36 23.30
C PHE B 83 2.38 18.28 23.78
N TYR B 84 2.13 19.59 23.79
CA TYR B 84 3.12 20.54 24.27
C TYR B 84 3.16 20.60 25.80
N ASN B 85 1.99 20.63 26.43
CA ASN B 85 1.94 20.84 27.88
C ASN B 85 2.38 19.60 28.65
N VAL B 86 2.10 18.42 28.14
CA VAL B 86 2.25 17.19 28.91
C VAL B 86 3.26 16.25 28.27
N ALA B 87 3.03 15.87 27.01
CA ALA B 87 3.88 14.85 26.39
C ALA B 87 5.30 15.35 26.20
N TYR B 88 5.45 16.58 25.72
CA TYR B 88 6.77 17.10 25.34
C TYR B 88 7.75 17.13 26.50
N PRO B 89 7.38 17.62 27.69
CA PRO B 89 8.34 17.60 28.81
C PRO B 89 8.80 16.19 29.15
N ILE B 90 7.91 15.21 29.04
CA ILE B 90 8.28 13.82 29.35
C ILE B 90 9.18 13.26 28.27
N LEU B 91 8.91 13.59 27.02
CA LEU B 91 9.78 13.15 25.93
C LEU B 91 11.19 13.71 26.10
N LYS B 92 11.29 14.99 26.46
CA LYS B 92 12.60 15.58 26.72
C LYS B 92 13.30 14.91 27.90
N LYS B 93 12.55 14.61 28.95
CA LYS B 93 13.14 13.96 30.13
C LYS B 93 13.91 12.70 29.75
N TYR B 94 13.42 11.96 28.76
CA TYR B 94 14.03 10.70 28.35
C TYR B 94 14.81 10.80 27.05
N ASP B 95 15.08 12.02 26.58
N ASP B 95 15.09 12.02 26.58
CA ASP B 95 15.85 12.24 25.34
CA ASP B 95 15.86 12.23 25.35
C ASP B 95 15.26 11.44 24.19
C ASP B 95 15.26 11.43 24.19
N ALA B 96 13.95 11.55 24.02
CA ALA B 96 13.20 10.83 23.01
C ALA B 96 12.72 11.78 21.93
N LYS B 97 12.63 11.27 20.70
CA LYS B 97 12.07 12.00 19.58
C LYS B 97 10.64 11.51 19.34
N ALA B 98 9.78 12.43 18.88
CA ALA B 98 8.42 12.05 18.53
C ALA B 98 7.91 12.93 17.39
N THR B 99 6.85 12.45 16.74
CA THR B 99 6.23 13.15 15.63
C THR B 99 4.77 13.46 15.95
N ASN B 100 4.35 14.68 15.64
CA ASN B 100 2.95 15.07 15.75
C ASN B 100 2.41 15.39 14.37
N ASN B 101 1.29 14.78 14.01
CA ASN B 101 0.65 14.99 12.72
C ASN B 101 -0.38 16.12 12.87
N VAL B 102 -0.12 17.24 12.19
CA VAL B 102 -0.72 18.53 12.53
C VAL B 102 -1.92 18.83 11.64
N ILE B 103 -3.01 19.26 12.27
CA ILE B 103 -4.17 19.83 11.57
C ILE B 103 -3.88 21.32 11.42
N THR B 104 -3.44 21.73 10.24
CA THR B 104 -2.87 23.07 10.09
C THR B 104 -3.95 24.15 10.18
N GLY B 105 -5.18 23.86 9.77
CA GLY B 105 -6.22 24.86 9.85
C GLY B 105 -6.49 25.32 11.27
N LEU B 106 -6.42 24.40 12.22
CA LEU B 106 -6.64 24.77 13.61
C LEU B 106 -5.52 25.67 14.12
N THR B 107 -4.28 25.41 13.71
CA THR B 107 -3.19 26.29 14.11
C THR B 107 -3.32 27.64 13.42
N GLU B 108 -3.66 27.64 12.13
CA GLU B 108 -3.80 28.90 11.41
C GLU B 108 -4.92 29.76 11.99
N MET B 109 -5.97 29.13 12.52
CA MET B 109 -7.09 29.85 13.12
C MET B 109 -6.90 30.14 14.61
N GLY B 110 -5.71 29.88 15.15
CA GLY B 110 -5.41 30.26 16.52
C GLY B 110 -6.10 29.46 17.60
N SER B 111 -6.45 28.20 17.31
CA SER B 111 -7.18 27.38 18.27
C SER B 111 -6.38 27.14 19.54
N ALA B 112 -6.93 27.57 20.67
CA ALA B 112 -6.27 27.40 21.96
C ALA B 112 -6.11 25.92 22.32
N ALA B 113 -6.94 25.05 21.77
CA ALA B 113 -6.88 23.62 22.00
C ALA B 113 -5.75 22.93 21.23
N ASN B 114 -5.04 23.65 20.37
CA ASN B 114 -4.07 23.02 19.46
C ASN B 114 -2.73 23.73 19.50
N LEU B 115 -1.72 23.02 18.99
CA LEU B 115 -0.36 23.54 18.99
C LEU B 115 -0.28 24.85 18.21
N THR B 116 0.62 25.72 18.65
CA THR B 116 0.91 26.96 17.95
C THR B 116 2.21 26.83 17.17
N LEU B 117 2.40 27.73 16.20
CA LEU B 117 3.63 27.71 15.43
C LEU B 117 4.83 27.95 16.32
N LYS B 118 4.73 28.92 17.23
CA LYS B 118 5.82 29.18 18.18
C LYS B 118 6.20 27.91 18.93
N GLN B 119 5.19 27.17 19.40
CA GLN B 119 5.47 25.94 20.13
C GLN B 119 6.18 24.92 19.25
N MET B 120 5.71 24.75 18.01
CA MET B 120 6.33 23.79 17.11
C MET B 120 7.78 24.17 16.82
N LYS B 121 8.06 25.47 16.65
CA LYS B 121 9.43 25.90 16.42
C LYS B 121 10.31 25.62 17.64
N GLU B 122 9.76 25.78 18.85
CA GLU B 122 10.51 25.44 20.04
C GLU B 122 10.80 23.95 20.08
N MET B 123 9.78 23.13 19.84
CA MET B 123 9.90 21.68 20.00
C MET B 123 10.81 21.07 18.95
N LYS B 124 10.88 21.66 17.76
CA LYS B 124 11.74 21.12 16.71
C LYS B 124 13.21 21.14 17.13
N GLN B 125 13.60 22.08 18.00
CA GLN B 125 14.98 22.17 18.46
C GLN B 125 15.33 21.11 19.49
N VAL B 126 14.35 20.35 19.99
CA VAL B 126 14.61 19.32 20.99
C VAL B 126 13.98 18.01 20.56
N GLY B 127 14.09 17.70 19.27
CA GLY B 127 13.82 16.36 18.78
C GLY B 127 12.45 16.08 18.21
N MET B 128 11.54 17.04 18.22
CA MET B 128 10.18 16.77 17.74
C MET B 128 10.05 17.06 16.25
N SER B 129 9.14 16.34 15.61
CA SER B 129 8.87 16.49 14.19
C SER B 129 7.37 16.71 13.98
N PHE B 130 7.03 17.59 13.05
CA PHE B 130 5.64 17.94 12.79
C PHE B 130 5.34 17.69 11.33
N GLN B 131 4.47 16.72 11.08
CA GLN B 131 4.12 16.23 9.76
C GLN B 131 2.61 16.47 9.54
N ASP B 132 2.09 15.92 8.45
CA ASP B 132 0.83 16.40 7.91
C ASP B 132 -0.38 15.64 8.44
N HIS B 133 -1.45 16.39 8.72
CA HIS B 133 -2.74 15.82 9.10
C HIS B 133 -3.88 16.61 8.46
N THR B 134 -3.65 17.08 7.23
CA THR B 134 -4.57 17.86 6.40
C THR B 134 -4.86 19.24 6.98
N VAL B 135 -5.61 20.06 6.22
CA VAL B 135 -5.93 21.42 6.67
C VAL B 135 -7.11 21.39 7.64
N ASN B 136 -8.21 20.75 7.24
CA ASN B 136 -9.45 20.82 7.99
C ASN B 136 -9.89 19.46 8.55
N HIS B 137 -9.07 18.44 8.40
CA HIS B 137 -9.37 17.11 8.95
C HIS B 137 -10.65 16.52 8.39
N PRO B 138 -10.88 16.58 7.08
CA PRO B 138 -12.03 15.87 6.50
C PRO B 138 -11.75 14.38 6.41
N ASP B 139 -12.81 13.63 6.13
CA ASP B 139 -12.70 12.25 5.67
C ASP B 139 -12.25 12.31 4.22
N LEU B 140 -10.96 12.08 3.97
CA LEU B 140 -10.42 12.27 2.63
C LEU B 140 -11.14 11.39 1.61
N GLU B 141 -11.53 10.19 2.01
CA GLU B 141 -12.22 9.28 1.10
C GLU B 141 -13.50 9.91 0.55
N GLN B 142 -14.13 10.78 1.32
CA GLN B 142 -15.38 11.40 0.91
C GLN B 142 -15.17 12.71 0.15
N ALA B 143 -13.93 13.07 -0.13
CA ALA B 143 -13.60 14.29 -0.86
C ALA B 143 -13.25 13.95 -2.30
N SER B 144 -13.57 14.88 -3.20
CA SER B 144 -13.20 14.73 -4.59
C SER B 144 -11.67 14.79 -4.75
N PRO B 145 -11.13 14.33 -5.88
CA PRO B 145 -9.68 14.39 -6.07
C PRO B 145 -9.12 15.80 -5.91
N ASP B 146 -9.81 16.83 -6.43
CA ASP B 146 -9.34 18.19 -6.27
C ASP B 146 -9.26 18.58 -4.79
N VAL B 147 -10.28 18.21 -4.01
CA VAL B 147 -10.30 18.57 -2.60
C VAL B 147 -9.25 17.81 -1.82
N GLN B 148 -9.09 16.51 -2.10
CA GLN B 148 -8.01 15.75 -1.48
C GLN B 148 -6.67 16.40 -1.75
N THR B 149 -6.42 16.83 -2.98
CA THR B 149 -5.17 17.51 -3.30
C THR B 149 -5.00 18.76 -2.45
N THR B 150 -6.02 19.62 -2.41
CA THR B 150 -5.92 20.85 -1.63
C THR B 150 -5.67 20.56 -0.16
N GLU B 151 -6.39 19.60 0.41
CA GLU B 151 -6.26 19.31 1.84
C GLU B 151 -4.86 18.81 2.17
N MET B 152 -4.28 18.00 1.28
CA MET B 152 -2.95 17.44 1.53
C MET B 152 -1.84 18.36 1.08
N LYS B 153 -2.09 19.21 0.07
CA LYS B 153 -1.04 20.07 -0.47
C LYS B 153 -0.90 21.35 0.35
N ASP B 154 -2.02 22.06 0.57
CA ASP B 154 -1.95 23.35 1.24
C ASP B 154 -1.42 23.22 2.66
N SER B 155 -1.75 22.12 3.34
CA SER B 155 -1.25 21.89 4.68
C SER B 155 0.25 21.63 4.68
N LYS B 156 0.72 20.84 3.71
CA LYS B 156 2.16 20.61 3.58
C LYS B 156 2.89 21.92 3.26
N ASP B 157 2.33 22.73 2.35
CA ASP B 157 2.94 24.01 2.03
C ASP B 157 3.02 24.90 3.27
N TYR B 158 1.99 24.86 4.11
CA TYR B 158 2.00 25.66 5.33
C TYR B 158 3.13 25.22 6.26
N LEU B 159 3.21 23.92 6.55
CA LEU B 159 4.27 23.42 7.42
C LEU B 159 5.65 23.69 6.81
N ASP B 160 5.81 23.44 5.50
CA ASP B 160 7.09 23.63 4.85
C ASP B 160 7.58 25.07 4.99
N LYS B 161 6.70 26.03 4.76
CA LYS B 161 7.10 27.43 4.79
C LYS B 161 7.25 27.95 6.22
N GLN B 162 6.27 27.63 7.07
CA GLN B 162 6.25 28.21 8.42
C GLN B 162 7.32 27.60 9.31
N LEU B 163 7.58 26.30 9.15
CA LEU B 163 8.61 25.61 9.92
C LEU B 163 9.89 25.40 9.14
N ASN B 164 9.98 25.96 7.94
CA ASN B 164 11.20 25.91 7.12
C ASN B 164 11.73 24.48 6.98
N GLN B 165 10.86 23.62 6.44
CA GLN B 165 11.16 22.20 6.37
C GLN B 165 10.60 21.61 5.08
N ASN B 166 10.86 20.32 4.88
CA ASN B 166 10.26 19.53 3.81
C ASN B 166 9.47 18.40 4.48
N THR B 167 8.16 18.61 4.62
CA THR B 167 7.28 17.61 5.20
C THR B 167 7.20 16.39 4.30
N ILE B 168 7.37 15.20 4.87
CA ILE B 168 7.40 13.97 4.08
C ILE B 168 6.35 12.97 4.50
N ALA B 169 5.66 13.15 5.63
CA ALA B 169 4.74 12.15 6.14
C ALA B 169 3.35 12.74 6.32
N ILE B 170 2.34 11.88 6.13
CA ILE B 170 0.95 12.25 6.34
C ILE B 170 0.25 11.16 7.12
N ALA B 171 -0.62 11.55 8.05
CA ALA B 171 -1.55 10.66 8.71
C ALA B 171 -2.95 10.98 8.19
N TYR B 172 -3.64 9.97 7.66
CA TYR B 172 -4.97 10.20 7.09
C TYR B 172 -6.01 10.36 8.20
N PRO B 173 -6.85 11.38 8.17
CA PRO B 173 -7.86 11.55 9.22
C PRO B 173 -8.72 10.30 9.39
N SER B 174 -8.80 9.83 10.64
CA SER B 174 -9.55 8.65 11.04
C SER B 174 -9.09 7.39 10.31
N GLY B 175 -7.91 7.43 9.71
CA GLY B 175 -7.39 6.28 9.00
C GLY B 175 -8.07 5.95 7.70
N ARG B 176 -8.79 6.90 7.11
CA ARG B 176 -9.63 6.63 5.94
C ARG B 176 -8.93 7.12 4.68
N TYR B 177 -8.89 6.24 3.68
CA TYR B 177 -8.23 6.60 2.44
C TYR B 177 -8.72 5.68 1.33
N ASN B 178 -8.55 6.14 0.09
CA ASN B 178 -8.83 5.31 -1.08
C ASN B 178 -7.64 5.38 -2.02
N ASP B 179 -7.75 4.70 -3.16
CA ASP B 179 -6.66 4.70 -4.12
C ASP B 179 -6.30 6.13 -4.52
N THR B 180 -7.30 6.98 -4.71
CA THR B 180 -7.04 8.38 -5.06
C THR B 180 -6.21 9.09 -4.01
N THR B 181 -6.51 8.86 -2.72
CA THR B 181 -5.71 9.48 -1.67
C THR B 181 -4.24 9.12 -1.81
N LEU B 182 -3.95 7.84 -2.06
CA LEU B 182 -2.56 7.40 -2.10
C LEU B 182 -1.87 7.87 -3.37
N GLN B 183 -2.59 7.84 -4.50
CA GLN B 183 -2.03 8.36 -5.74
C GLN B 183 -1.67 9.83 -5.61
N ILE B 184 -2.55 10.61 -4.98
CA ILE B 184 -2.30 12.05 -4.84
C ILE B 184 -1.15 12.30 -3.87
N ALA B 185 -1.14 11.58 -2.75
CA ALA B 185 -0.06 11.78 -1.78
C ALA B 185 1.30 11.52 -2.43
N ALA B 186 1.40 10.49 -3.26
CA ALA B 186 2.65 10.24 -3.97
C ALA B 186 3.00 11.41 -4.89
N ARG B 187 2.02 11.92 -5.63
CA ARG B 187 2.27 13.00 -6.57
C ARG B 187 2.71 14.28 -5.87
N LEU B 188 2.24 14.49 -4.64
CA LEU B 188 2.64 15.64 -3.84
C LEU B 188 3.95 15.41 -3.09
N ASN B 189 4.63 14.31 -3.38
CA ASN B 189 5.97 14.03 -2.87
C ASN B 189 5.97 13.65 -1.39
N TYR B 190 4.86 13.12 -0.88
CA TYR B 190 4.90 12.44 0.41
C TYR B 190 5.67 11.13 0.26
N LYS B 191 6.47 10.81 1.26
CA LYS B 191 7.26 9.58 1.28
C LYS B 191 6.68 8.53 2.20
N LEU B 192 5.95 8.95 3.23
CA LEU B 192 5.37 8.06 4.22
C LEU B 192 3.92 8.43 4.49
N GLY B 193 3.09 7.43 4.73
CA GLY B 193 1.72 7.66 5.13
C GLY B 193 1.36 6.63 6.19
N VAL B 194 0.67 7.05 7.25
CA VAL B 194 0.33 6.14 8.34
C VAL B 194 -1.18 6.08 8.48
N THR B 195 -1.67 4.89 8.80
CA THR B 195 -3.07 4.57 8.89
C THR B 195 -3.43 4.30 10.36
N THR B 196 -4.63 3.75 10.57
CA THR B 196 -5.03 3.21 11.86
C THR B 196 -5.24 1.70 11.79
N ASN B 197 -4.73 1.05 10.74
CA ASN B 197 -4.70 -0.39 10.67
C ASN B 197 -3.70 -0.92 11.70
N GLU B 198 -4.16 -1.79 12.60
CA GLU B 198 -3.37 -2.17 13.77
C GLU B 198 -2.29 -3.18 13.40
N GLY B 199 -1.07 -2.90 13.83
CA GLY B 199 0.00 -3.87 13.73
C GLY B 199 1.36 -3.19 13.61
N ILE B 200 2.40 -4.03 13.63
CA ILE B 200 3.75 -3.55 13.36
C ILE B 200 3.88 -3.23 11.88
N ALA B 201 4.65 -2.20 11.56
CA ALA B 201 4.75 -1.74 10.18
C ALA B 201 5.93 -2.38 9.45
N SER B 202 5.79 -2.41 8.12
CA SER B 202 6.85 -2.87 7.22
C SER B 202 6.52 -2.34 5.83
N ALA B 203 7.52 -2.36 4.95
CA ALA B 203 7.35 -1.83 3.60
C ALA B 203 6.16 -2.47 2.91
N ALA B 204 5.92 -3.76 3.16
CA ALA B 204 4.84 -4.48 2.51
C ALA B 204 3.47 -3.91 2.81
N ASN B 205 3.34 -3.14 3.90
CA ASN B 205 2.08 -2.44 4.14
C ASN B 205 1.78 -1.43 3.03
N GLY B 206 2.81 -1.00 2.30
CA GLY B 206 2.74 0.20 1.49
C GLY B 206 3.33 1.38 2.24
N LEU B 207 4.35 2.03 1.68
CA LEU B 207 4.99 3.13 2.41
C LEU B 207 4.00 4.26 2.69
N LEU B 208 2.99 4.42 1.85
CA LEU B 208 1.97 5.44 2.08
C LEU B 208 0.77 4.91 2.85
N SER B 209 0.85 3.68 3.35
CA SER B 209 -0.25 3.09 4.12
C SER B 209 0.29 2.16 5.20
N LEU B 210 1.15 2.70 6.07
CA LEU B 210 1.81 1.90 7.09
C LEU B 210 0.91 1.61 8.29
N ASN B 211 1.07 0.42 8.87
CA ASN B 211 0.38 0.05 10.09
C ASN B 211 0.87 0.89 11.26
N ARG B 212 0.01 1.03 12.28
CA ARG B 212 0.39 1.63 13.55
C ARG B 212 -0.24 0.84 14.68
N ILE B 213 0.32 1.01 15.88
CA ILE B 213 -0.13 0.32 17.08
C ILE B 213 -0.83 1.33 17.98
N ARG B 214 -2.12 1.12 18.21
CA ARG B 214 -2.89 2.03 19.05
C ARG B 214 -2.49 1.84 20.51
N ILE B 215 -2.07 2.93 21.15
CA ILE B 215 -1.72 2.88 22.58
C ILE B 215 -3.01 2.86 23.38
N LEU B 216 -3.16 1.84 24.22
CA LEU B 216 -4.35 1.72 25.04
C LEU B 216 -4.00 2.10 26.48
N PRO B 217 -4.92 2.78 27.18
CA PRO B 217 -4.60 3.22 28.56
C PRO B 217 -4.35 2.08 29.52
N ASN B 218 -4.65 0.83 29.15
CA ASN B 218 -4.42 -0.33 29.99
C ASN B 218 -3.09 -1.01 29.70
N MET B 219 -2.26 -0.43 28.84
CA MET B 219 -1.02 -1.07 28.40
C MET B 219 0.08 -0.78 29.40
N SER B 220 0.46 -1.79 30.20
CA SER B 220 1.63 -1.68 31.03
C SER B 220 2.87 -1.55 30.14
N PRO B 221 3.94 -0.95 30.67
CA PRO B 221 5.17 -0.82 29.85
C PRO B 221 5.67 -2.14 29.28
N GLU B 222 5.74 -3.19 30.09
CA GLU B 222 6.17 -4.48 29.56
C GLU B 222 5.24 -4.96 28.45
N ASN B 223 3.92 -4.83 28.66
CA ASN B 223 2.97 -5.26 27.65
C ASN B 223 3.18 -4.50 26.35
N LEU B 224 3.44 -3.20 26.44
CA LEU B 224 3.69 -2.41 25.23
C LEU B 224 4.90 -2.94 24.47
N LEU B 225 6.02 -3.13 25.16
CA LEU B 225 7.22 -3.62 24.47
C LEU B 225 6.96 -4.97 23.81
N GLN B 226 6.15 -5.82 24.44
CA GLN B 226 5.83 -7.11 23.84
C GLN B 226 4.97 -6.94 22.58
N THR B 227 4.03 -6.00 22.60
CA THR B 227 3.23 -5.73 21.42
C THR B 227 4.08 -5.21 20.26
N MET B 228 5.23 -4.62 20.55
CA MET B 228 6.12 -4.09 19.52
C MET B 228 7.08 -5.14 18.98
N GLU B 229 6.89 -6.40 19.37
CA GLU B 229 7.72 -7.48 18.86
C GLU B 229 6.84 -8.49 18.12
N PRO B 230 7.39 -9.17 17.10
CA PRO B 230 6.61 -10.19 16.38
C PRO B 230 6.00 -11.24 17.31
#